data_9NGE
#
_entry.id   9NGE
#
_cell.length_a   126.935
_cell.length_b   77.487
_cell.length_c   38.342
_cell.angle_alpha   90.000
_cell.angle_beta   106.990
_cell.angle_gamma   90.000
#
_symmetry.space_group_name_H-M   'C 1 2 1'
#
loop_
_entity.id
_entity.type
_entity.pdbx_description
1 polymer 'Transcription factor ETV6,Non-receptor tyrosine-protein kinase TNK1'
2 non-polymer DI(HYDROXYETHYL)ETHER
3 non-polymer 'POTASSIUM ION'
4 non-polymer 'SODIUM ION'
5 water water
#
_entity_poly.entity_id   1
_entity_poly.type   'polypeptide(L)'
_entity_poly.pdbx_seq_one_letter_code
;MGHHHHHHHHHHSIRLPAHLRLQPIYWSRDDVAQWLKWAENEFSLSPIDSNTFEMNGKALLELTKEDFRYRSPHSGDELY
ELLQHILKEVQRKIMEVELSVHGVTHQEAQTALGATGGDVVSAIRNLKVDQLFHLSSRSRADAWRILEHYQWDLSAASRY
VLARP
;
_entity_poly.pdbx_strand_id   A,B
#
loop_
_chem_comp.id
_chem_comp.type
_chem_comp.name
_chem_comp.formula
K non-polymer 'POTASSIUM ION' 'K 1'
NA non-polymer 'SODIUM ION' 'Na 1'
PEG non-polymer DI(HYDROXYETHYL)ETHER 'C4 H10 O3'
#
# COMPACT_ATOMS: atom_id res chain seq x y z
N SER A 13 -9.06 2.47 17.35
CA SER A 13 -8.31 2.57 16.11
C SER A 13 -8.62 3.89 15.40
N ILE A 14 -7.57 4.64 15.08
CA ILE A 14 -7.75 5.92 14.40
C ILE A 14 -8.41 5.67 13.04
N ARG A 15 -9.53 6.34 12.81
CA ARG A 15 -10.29 6.17 11.56
C ARG A 15 -9.65 7.03 10.46
N LEU A 16 -8.45 6.62 10.06
CA LEU A 16 -7.77 7.28 8.96
C LEU A 16 -8.53 7.03 7.65
N PRO A 17 -8.40 7.92 6.68
CA PRO A 17 -9.01 7.65 5.36
C PRO A 17 -8.26 6.51 4.66
N ALA A 18 -9.02 5.75 3.86
CA ALA A 18 -8.40 4.69 3.08
C ALA A 18 -7.29 5.23 2.19
N HIS A 19 -7.40 6.49 1.75
CA HIS A 19 -6.33 7.09 0.97
C HIS A 19 -5.04 7.20 1.77
N LEU A 20 -5.16 7.46 3.09
CA LEU A 20 -4.00 7.57 3.97
C LEU A 20 -3.80 6.31 4.81
N ARG A 21 -4.37 5.18 4.39
CA ARG A 21 -4.24 3.95 5.17
C ARG A 21 -2.79 3.49 5.26
N LEU A 22 -2.00 3.75 4.23
CA LEU A 22 -0.60 3.32 4.22
C LEU A 22 0.14 3.87 5.43
N GLN A 23 1.24 3.20 5.78
CA GLN A 23 2.06 3.63 6.91
C GLN A 23 2.69 5.00 6.61
N PRO A 24 2.91 5.81 7.65
CA PRO A 24 3.43 7.17 7.39
C PRO A 24 4.73 7.18 6.60
N ILE A 25 5.61 6.21 6.83
CA ILE A 25 6.89 6.18 6.11
C ILE A 25 6.65 6.06 4.62
N TYR A 26 5.57 5.41 4.21
CA TYR A 26 5.24 5.24 2.80
C TYR A 26 4.48 6.42 2.22
N TRP A 27 4.11 7.40 3.04
CA TRP A 27 3.39 8.56 2.53
C TRP A 27 4.19 9.27 1.45
N SER A 28 3.50 9.78 0.44
CA SER A 28 4.09 10.59 -0.60
C SER A 28 3.86 12.06 -0.28
N ARG A 29 4.20 12.93 -1.23
CA ARG A 29 3.94 14.36 -1.06
C ARG A 29 2.44 14.62 -0.95
N ASP A 30 1.67 14.14 -1.92
CA ASP A 30 0.23 14.36 -1.91
C ASP A 30 -0.42 13.73 -0.69
N ASP A 31 0.15 12.65 -0.16
CA ASP A 31 -0.44 11.98 0.98
C ASP A 31 -0.33 12.84 2.24
N VAL A 32 0.86 13.38 2.51
CA VAL A 32 1.04 14.21 3.69
C VAL A 32 0.03 15.36 3.69
N ALA A 33 -0.18 15.97 2.53
CA ALA A 33 -1.16 17.05 2.43
C ALA A 33 -2.56 16.56 2.73
N GLN A 34 -2.91 15.37 2.26
CA GLN A 34 -4.22 14.81 2.58
C GLN A 34 -4.37 14.58 4.08
N TRP A 35 -3.29 14.17 4.75
CA TRP A 35 -3.34 13.97 6.19
C TRP A 35 -3.55 15.29 6.92
N LEU A 36 -2.91 16.37 6.46
CA LEU A 36 -3.09 17.67 7.10
C LEU A 36 -4.54 18.12 7.00
N LYS A 37 -5.16 17.99 5.83
CA LYS A 37 -6.54 18.39 5.67
C LYS A 37 -7.47 17.49 6.46
N TRP A 38 -7.22 16.18 6.45
CA TRP A 38 -8.01 15.26 7.26
C TRP A 38 -7.88 15.59 8.75
N ALA A 39 -6.70 16.02 9.18
CA ALA A 39 -6.48 16.30 10.59
C ALA A 39 -7.15 17.61 11.00
N GLU A 40 -7.02 18.65 10.18
CA GLU A 40 -7.60 19.94 10.54
C GLU A 40 -9.12 19.92 10.55
N ASN A 41 -9.72 19.01 9.79
CA ASN A 41 -11.17 18.90 9.75
C ASN A 41 -11.71 17.88 10.76
N GLU A 42 -10.98 16.79 10.97
CA GLU A 42 -11.46 15.75 11.89
C GLU A 42 -11.29 16.15 13.34
N PHE A 43 -10.29 16.98 13.66
CA PHE A 43 -10.01 17.37 15.04
C PHE A 43 -10.09 18.88 15.23
N SER A 44 -10.73 19.58 14.29
CA SER A 44 -11.00 21.01 14.44
C SER A 44 -9.74 21.80 14.77
N LEU A 45 -8.65 21.49 14.06
CA LEU A 45 -7.41 22.21 14.27
C LEU A 45 -7.43 23.53 13.50
N SER A 46 -6.50 24.42 13.86
CA SER A 46 -6.38 25.68 13.14
C SER A 46 -5.99 25.41 11.69
N PRO A 47 -6.48 26.22 10.75
CA PRO A 47 -6.17 25.96 9.34
C PRO A 47 -4.67 25.88 9.10
N ILE A 48 -4.23 24.78 8.50
CA ILE A 48 -2.83 24.52 8.20
C ILE A 48 -2.63 24.70 6.70
N ASP A 49 -1.62 25.47 6.32
CA ASP A 49 -1.34 25.73 4.92
C ASP A 49 -0.56 24.58 4.32
N SER A 50 -0.98 24.12 3.13
CA SER A 50 -0.28 23.02 2.47
C SER A 50 1.15 23.40 2.12
N ASN A 51 1.41 24.70 1.88
CA ASN A 51 2.78 25.13 1.61
C ASN A 51 3.70 24.72 2.75
N THR A 52 3.22 24.79 4.00
CA THR A 52 3.95 24.25 5.13
C THR A 52 3.83 22.73 5.14
N PHE A 53 4.87 22.07 5.63
CA PHE A 53 4.96 20.62 5.63
C PHE A 53 4.94 20.04 4.22
N GLU A 54 5.36 20.82 3.23
CA GLU A 54 5.36 20.35 1.84
C GLU A 54 6.55 19.41 1.68
N MET A 55 6.29 18.13 1.88
CA MET A 55 7.34 17.10 1.91
C MET A 55 6.66 15.74 1.85
N ASN A 56 7.46 14.68 1.86
CA ASN A 56 6.96 13.32 1.86
C ASN A 56 6.98 12.77 3.29
N GLY A 57 6.53 11.52 3.44
CA GLY A 57 6.44 10.93 4.77
C GLY A 57 7.79 10.89 5.47
N LYS A 58 8.82 10.45 4.76
CA LYS A 58 10.14 10.31 5.38
C LYS A 58 10.59 11.64 5.99
N ALA A 59 10.30 12.75 5.33
CA ALA A 59 10.66 14.05 5.87
C ALA A 59 9.78 14.44 7.04
N LEU A 60 8.47 14.24 6.91
CA LEU A 60 7.56 14.53 8.01
C LEU A 60 7.97 13.79 9.27
N LEU A 61 8.37 12.52 9.13
CA LEU A 61 8.76 11.71 10.27
C LEU A 61 10.10 12.13 10.85
N GLU A 62 10.84 13.03 10.19
CA GLU A 62 12.08 13.56 10.70
C GLU A 62 11.91 14.96 11.30
N LEU A 63 10.68 15.40 11.50
CA LEU A 63 10.41 16.71 12.08
C LEU A 63 10.16 16.58 13.57
N THR A 64 10.92 17.32 14.37
CA THR A 64 10.67 17.37 15.79
C THR A 64 9.41 18.19 16.08
N LYS A 65 8.91 18.05 17.31
CA LYS A 65 7.75 18.85 17.71
C LYS A 65 8.06 20.34 17.57
N GLU A 66 9.31 20.74 17.82
CA GLU A 66 9.70 22.11 17.56
C GLU A 66 9.55 22.45 16.08
N ASP A 67 10.06 21.58 15.20
CA ASP A 67 9.92 21.79 13.77
C ASP A 67 8.45 21.91 13.37
N PHE A 68 7.63 20.94 13.78
CA PHE A 68 6.19 21.03 13.56
C PHE A 68 5.66 22.40 13.97
N ARG A 69 5.93 22.79 15.23
CA ARG A 69 5.47 24.08 15.73
C ARG A 69 6.05 25.25 14.94
N TYR A 70 7.18 25.06 14.27
CA TYR A 70 7.71 26.10 13.41
C TYR A 70 6.83 26.31 12.18
N ARG A 71 6.42 25.21 11.53
CA ARG A 71 5.56 25.32 10.36
C ARG A 71 4.20 25.90 10.73
N SER A 72 3.57 25.34 11.77
CA SER A 72 2.25 25.78 12.23
C SER A 72 2.30 26.05 13.73
N PRO A 73 2.40 27.31 14.15
CA PRO A 73 2.47 27.60 15.58
C PRO A 73 1.17 27.37 16.34
N HIS A 74 0.04 27.24 15.64
CA HIS A 74 -1.25 27.04 16.28
C HIS A 74 -1.79 25.63 16.11
N SER A 75 -1.11 24.77 15.34
CA SER A 75 -1.53 23.38 15.21
C SER A 75 -0.36 22.41 15.19
N GLY A 76 0.88 22.89 15.24
CA GLY A 76 2.01 21.99 15.13
C GLY A 76 2.06 20.95 16.24
N ASP A 77 1.82 21.38 17.48
CA ASP A 77 1.83 20.45 18.60
C ASP A 77 0.81 19.34 18.38
N GLU A 78 -0.42 19.71 18.01
CA GLU A 78 -1.45 18.71 17.80
C GLU A 78 -1.11 17.79 16.65
N LEU A 79 -0.60 18.34 15.55
CA LEU A 79 -0.21 17.51 14.40
C LEU A 79 0.88 16.53 14.79
N TYR A 80 1.88 17.00 15.53
CA TYR A 80 2.94 16.11 15.99
C TYR A 80 2.39 14.98 16.84
N GLU A 81 1.52 15.32 17.80
CA GLU A 81 0.91 14.30 18.65
C GLU A 81 0.11 13.30 17.82
N LEU A 82 -0.61 13.78 16.81
CA LEU A 82 -1.40 12.88 15.98
C LEU A 82 -0.50 11.93 15.21
N LEU A 83 0.64 12.42 14.72
CA LEU A 83 1.60 11.55 14.05
C LEU A 83 2.14 10.50 15.01
N GLN A 84 2.35 10.89 16.28
CA GLN A 84 2.84 9.90 17.26
C GLN A 84 1.78 8.84 17.54
N HIS A 85 0.52 9.23 17.67
CA HIS A 85 -0.54 8.25 17.91
C HIS A 85 -0.65 7.29 16.74
N ILE A 86 -0.56 7.81 15.51
CA ILE A 86 -0.63 6.94 14.33
C ILE A 86 0.55 5.98 14.33
N LEU A 87 1.76 6.48 14.59
CA LEU A 87 2.93 5.63 14.58
C LEU A 87 2.86 4.56 15.66
N LYS A 88 2.35 4.90 16.85
CA LYS A 88 2.23 3.91 17.90
C LYS A 88 1.22 2.82 17.52
N GLU A 89 0.14 3.20 16.84
CA GLU A 89 -0.84 2.21 16.42
C GLU A 89 -0.26 1.28 15.36
N VAL A 90 0.53 1.82 14.44
CA VAL A 90 1.17 0.99 13.42
C VAL A 90 2.08 -0.04 14.09
N GLN A 91 2.94 0.41 15.00
CA GLN A 91 3.87 -0.53 15.63
C GLN A 91 3.14 -1.57 16.47
N ARG A 92 2.01 -1.19 17.07
CA ARG A 92 1.20 -2.16 17.81
C ARG A 92 0.66 -3.23 16.88
N LYS A 93 0.14 -2.83 15.71
CA LYS A 93 -0.43 -3.80 14.78
C LYS A 93 0.64 -4.74 14.24
N ILE A 94 1.82 -4.21 13.89
CA ILE A 94 2.91 -5.05 13.44
C ILE A 94 3.24 -6.09 14.50
N MET A 95 3.35 -5.65 15.76
CA MET A 95 3.63 -6.58 16.84
C MET A 95 2.55 -7.66 16.92
N GLU A 96 1.28 -7.27 16.77
CA GLU A 96 0.19 -8.24 16.83
C GLU A 96 0.35 -9.31 15.75
N VAL A 97 0.67 -8.90 14.52
CA VAL A 97 0.93 -9.86 13.45
C VAL A 97 2.06 -10.78 13.84
N GLU A 98 3.12 -10.24 14.45
CA GLU A 98 4.27 -11.06 14.80
C GLU A 98 3.93 -12.09 15.87
N LEU A 99 3.08 -11.72 16.83
CA LEU A 99 2.75 -12.63 17.92
C LEU A 99 1.98 -13.86 17.44
N SER A 100 1.19 -13.70 16.38
CA SER A 100 0.37 -14.81 15.89
C SER A 100 1.03 -15.60 14.78
N VAL A 101 2.06 -15.06 14.13
CA VAL A 101 2.75 -15.73 13.03
C VAL A 101 4.24 -15.67 13.35
N HIS A 102 4.75 -16.68 14.05
CA HIS A 102 6.15 -16.67 14.43
C HIS A 102 7.04 -16.71 13.20
N GLY A 103 8.11 -15.92 13.22
CA GLY A 103 9.09 -15.90 12.16
C GLY A 103 8.89 -14.81 11.14
N VAL A 104 7.70 -14.20 11.07
CA VAL A 104 7.50 -13.09 10.15
C VAL A 104 8.40 -11.95 10.57
N THR A 105 9.17 -11.42 9.62
CA THR A 105 10.03 -10.28 9.92
C THR A 105 9.17 -9.03 10.11
N HIS A 106 9.79 -8.00 10.68
CA HIS A 106 9.12 -6.71 10.80
C HIS A 106 8.66 -6.21 9.43
N GLN A 107 9.47 -6.43 8.40
CA GLN A 107 9.10 -5.97 7.06
C GLN A 107 7.96 -6.80 6.48
N GLU A 108 8.00 -8.12 6.69
CA GLU A 108 6.94 -8.97 6.17
C GLU A 108 5.60 -8.66 6.86
N ALA A 109 5.65 -8.32 8.14
CA ALA A 109 4.42 -7.98 8.86
C ALA A 109 3.82 -6.68 8.33
N GLN A 110 4.65 -5.66 8.10
CA GLN A 110 4.12 -4.40 7.59
C GLN A 110 3.66 -4.54 6.15
N THR A 111 4.31 -5.40 5.37
CA THR A 111 3.83 -5.70 4.02
C THR A 111 2.47 -6.38 4.07
N ALA A 112 2.32 -7.38 4.94
CA ALA A 112 1.04 -8.07 5.08
C ALA A 112 -0.05 -7.12 5.53
N LEU A 113 0.28 -6.15 6.39
CA LEU A 113 -0.71 -5.16 6.81
C LEU A 113 -1.07 -4.23 5.66
N GLY A 114 -0.09 -3.84 4.86
CA GLY A 114 -0.39 -3.05 3.68
C GLY A 114 -1.32 -3.75 2.71
N ALA A 115 -1.27 -5.09 2.67
CA ALA A 115 -2.08 -5.86 1.74
C ALA A 115 -3.51 -6.07 2.23
N THR A 116 -3.82 -5.72 3.48
CA THR A 116 -5.18 -5.81 4.00
C THR A 116 -5.72 -4.45 4.45
N GLY A 117 -5.08 -3.36 4.03
CA GLY A 117 -5.54 -2.04 4.43
C GLY A 117 -5.34 -1.72 5.89
N GLY A 118 -4.40 -2.38 6.56
CA GLY A 118 -4.15 -2.14 7.97
C GLY A 118 -4.98 -2.99 8.90
N ASP A 119 -5.68 -4.00 8.39
CA ASP A 119 -6.49 -4.88 9.23
C ASP A 119 -5.61 -6.01 9.74
N VAL A 120 -5.39 -6.04 11.05
CA VAL A 120 -4.48 -7.02 11.65
C VAL A 120 -5.04 -8.43 11.49
N VAL A 121 -6.31 -8.62 11.84
CA VAL A 121 -6.92 -9.95 11.75
C VAL A 121 -6.75 -10.52 10.35
N SER A 122 -7.11 -9.73 9.34
CA SER A 122 -7.01 -10.20 7.97
C SER A 122 -5.56 -10.49 7.59
N ALA A 123 -4.62 -9.65 8.04
CA ALA A 123 -3.22 -9.88 7.70
C ALA A 123 -2.72 -11.18 8.29
N ILE A 124 -3.08 -11.47 9.54
CA ILE A 124 -2.68 -12.72 10.16
C ILE A 124 -3.22 -13.91 9.38
N ARG A 125 -4.50 -13.84 9.01
CA ARG A 125 -5.13 -14.94 8.28
C ARG A 125 -4.49 -15.12 6.91
N ASN A 126 -4.19 -14.03 6.22
CA ASN A 126 -3.52 -14.13 4.92
C ASN A 126 -2.18 -14.81 5.05
N LEU A 127 -1.39 -14.41 6.05
CA LEU A 127 -0.08 -15.02 6.25
C LEU A 127 -0.21 -16.51 6.56
N LYS A 128 -1.16 -16.87 7.42
CA LYS A 128 -1.33 -18.29 7.74
C LYS A 128 -1.79 -19.07 6.53
N VAL A 129 -2.73 -18.52 5.75
CA VAL A 129 -3.18 -19.20 4.54
C VAL A 129 -2.04 -19.37 3.56
N ASP A 130 -1.19 -18.36 3.43
CA ASP A 130 -0.06 -18.46 2.50
C ASP A 130 0.89 -19.59 2.92
N GLN A 131 1.08 -19.78 4.22
CA GLN A 131 1.92 -20.89 4.68
C GLN A 131 1.30 -22.24 4.33
N LEU A 132 -0.01 -22.38 4.59
CA LEU A 132 -0.68 -23.66 4.32
C LEU A 132 -0.86 -23.90 2.83
N PHE A 133 -1.02 -22.85 2.05
CA PHE A 133 -1.30 -23.01 0.62
C PHE A 133 -0.25 -23.87 -0.06
N HIS A 134 1.01 -23.74 0.36
CA HIS A 134 2.08 -24.54 -0.24
C HIS A 134 1.89 -26.02 0.07
N LEU A 135 1.46 -26.34 1.29
CA LEU A 135 1.19 -27.74 1.64
C LEU A 135 -0.03 -28.26 0.88
N SER A 136 -1.11 -27.47 0.85
CA SER A 136 -2.34 -27.93 0.25
C SER A 136 -2.17 -28.20 -1.25
N SER A 137 -1.40 -27.37 -1.93
CA SER A 137 -1.27 -27.46 -3.38
C SER A 137 -2.64 -27.44 -4.04
N ARG A 138 -3.59 -26.75 -3.41
CA ARG A 138 -4.96 -26.65 -3.90
C ARG A 138 -5.35 -25.19 -4.07
N SER A 139 -6.62 -24.87 -3.88
CA SER A 139 -7.08 -23.51 -4.05
C SER A 139 -6.86 -22.69 -2.77
N ARG A 140 -6.80 -21.37 -2.94
CA ARG A 140 -6.74 -20.50 -1.78
C ARG A 140 -7.97 -20.70 -0.90
N ALA A 141 -9.16 -20.77 -1.52
CA ALA A 141 -10.38 -21.01 -0.76
C ALA A 141 -10.30 -22.31 0.01
N ASP A 142 -9.62 -23.31 -0.56
CA ASP A 142 -9.44 -24.59 0.15
C ASP A 142 -8.55 -24.40 1.36
N ALA A 143 -7.41 -23.71 1.20
CA ALA A 143 -6.56 -23.39 2.33
C ALA A 143 -7.31 -22.56 3.36
N TRP A 144 -8.01 -21.52 2.90
CA TRP A 144 -8.76 -20.67 3.82
C TRP A 144 -9.82 -21.48 4.57
N ARG A 145 -10.57 -22.32 3.85
CA ARG A 145 -11.62 -23.10 4.51
C ARG A 145 -11.05 -24.02 5.58
N ILE A 146 -9.93 -24.68 5.29
CA ILE A 146 -9.34 -25.62 6.24
C ILE A 146 -8.89 -24.87 7.49
N LEU A 147 -8.16 -23.77 7.31
CA LEU A 147 -7.68 -23.00 8.45
C LEU A 147 -8.82 -22.50 9.32
N GLU A 148 -9.86 -21.95 8.70
CA GLU A 148 -10.97 -21.42 9.48
C GLU A 148 -11.70 -22.53 10.23
N HIS A 149 -11.79 -23.72 9.64
CA HIS A 149 -12.39 -24.84 10.34
C HIS A 149 -11.58 -25.21 11.59
N TYR A 150 -10.25 -25.15 11.51
CA TYR A 150 -9.41 -25.46 12.67
C TYR A 150 -9.12 -24.22 13.52
N GLN A 151 -9.96 -23.20 13.42
CA GLN A 151 -9.83 -22.00 14.24
C GLN A 151 -8.45 -21.38 14.11
N TRP A 152 -7.89 -21.46 12.90
CA TRP A 152 -6.63 -20.83 12.54
C TRP A 152 -5.44 -21.44 13.26
N ASP A 153 -5.58 -22.69 13.69
CA ASP A 153 -4.49 -23.51 14.19
C ASP A 153 -3.76 -24.10 13.00
N LEU A 154 -2.63 -23.51 12.62
CA LEU A 154 -1.93 -23.93 11.41
C LEU A 154 -1.42 -25.35 11.53
N SER A 155 -1.09 -25.79 12.74
CA SER A 155 -0.59 -27.16 12.93
C SER A 155 -1.69 -28.19 12.71
N ALA A 156 -2.88 -27.92 13.24
CA ALA A 156 -4.01 -28.81 12.99
C ALA A 156 -4.36 -28.83 11.51
N ALA A 157 -4.47 -27.65 10.89
CA ALA A 157 -4.75 -27.60 9.46
C ALA A 157 -3.70 -28.36 8.67
N SER A 158 -2.43 -28.22 9.04
CA SER A 158 -1.36 -28.90 8.30
C SER A 158 -1.50 -30.42 8.41
N ARG A 159 -1.84 -30.92 9.60
CA ARG A 159 -2.01 -32.35 9.77
C ARG A 159 -3.16 -32.88 8.92
N TYR A 160 -4.27 -32.13 8.87
CA TYR A 160 -5.37 -32.53 7.98
C TYR A 160 -4.90 -32.60 6.54
N VAL A 161 -4.13 -31.60 6.10
CA VAL A 161 -3.67 -31.58 4.70
C VAL A 161 -2.69 -32.72 4.46
N LEU A 162 -1.81 -32.97 5.42
CA LEU A 162 -0.77 -33.98 5.24
C LEU A 162 -1.35 -35.39 5.14
N ALA A 163 -2.52 -35.64 5.74
CA ALA A 163 -3.17 -36.94 5.55
C ALA A 163 -3.79 -37.08 4.17
N ARG A 164 -3.90 -35.98 3.41
CA ARG A 164 -4.46 -35.98 2.06
C ARG A 164 -3.53 -35.26 1.09
N PRO A 165 -2.24 -35.65 1.04
CA PRO A 165 -1.23 -34.91 0.28
C PRO A 165 -1.64 -34.61 -1.15
N ILE B 14 9.07 -5.61 -14.43
CA ILE B 14 10.40 -5.02 -14.59
C ILE B 14 11.29 -5.42 -13.41
N ARG B 15 10.74 -6.19 -12.48
CA ARG B 15 11.49 -6.66 -11.30
C ARG B 15 12.00 -5.48 -10.48
N LEU B 16 11.11 -4.55 -10.17
CA LEU B 16 11.50 -3.36 -9.45
C LEU B 16 11.74 -3.69 -7.97
N PRO B 17 12.76 -3.11 -7.35
CA PRO B 17 12.95 -3.31 -5.90
C PRO B 17 11.73 -2.85 -5.12
N ALA B 18 11.62 -3.36 -3.89
CA ALA B 18 10.45 -3.08 -3.06
C ALA B 18 10.19 -1.57 -2.95
N HIS B 19 11.26 -0.79 -2.79
CA HIS B 19 11.08 0.64 -2.56
C HIS B 19 10.52 1.36 -3.79
N LEU B 20 10.83 0.86 -4.98
CA LEU B 20 10.43 1.51 -6.23
C LEU B 20 9.17 0.93 -6.82
N ARG B 21 8.46 0.06 -6.10
CA ARG B 21 7.29 -0.60 -6.68
C ARG B 21 6.13 0.38 -6.87
N LEU B 22 6.09 1.46 -6.10
CA LEU B 22 5.00 2.41 -6.22
C LEU B 22 4.95 3.01 -7.62
N GLN B 23 3.83 3.63 -7.94
CA GLN B 23 3.67 4.25 -9.25
C GLN B 23 4.68 5.38 -9.42
N PRO B 24 5.32 5.50 -10.59
CA PRO B 24 6.30 6.59 -10.77
C PRO B 24 5.74 7.98 -10.46
N ILE B 25 4.45 8.21 -10.69
CA ILE B 25 3.87 9.51 -10.40
C ILE B 25 3.99 9.85 -8.93
N TYR B 26 4.11 8.83 -8.06
CA TYR B 26 4.20 9.03 -6.63
C TYR B 26 5.64 8.93 -6.12
N TRP B 27 6.63 9.16 -6.98
CA TRP B 27 8.03 9.10 -6.59
C TRP B 27 8.50 10.43 -6.03
N SER B 28 9.40 10.35 -5.05
CA SER B 28 10.07 11.53 -4.52
C SER B 28 11.41 11.71 -5.24
N ARG B 29 12.13 12.77 -4.88
CA ARG B 29 13.46 12.98 -5.46
C ARG B 29 14.41 11.85 -5.05
N ASP B 30 14.27 11.36 -3.82
CA ASP B 30 15.10 10.23 -3.38
C ASP B 30 14.78 8.98 -4.20
N ASP B 31 13.50 8.74 -4.48
CA ASP B 31 13.11 7.57 -5.24
C ASP B 31 13.59 7.65 -6.69
N VAL B 32 13.57 8.86 -7.26
CA VAL B 32 14.11 9.03 -8.62
C VAL B 32 15.60 8.67 -8.64
N ALA B 33 16.33 9.04 -7.58
CA ALA B 33 17.76 8.72 -7.53
C ALA B 33 17.99 7.22 -7.37
N GLN B 34 17.19 6.57 -6.52
CA GLN B 34 17.30 5.12 -6.37
C GLN B 34 16.98 4.42 -7.67
N TRP B 35 16.03 4.95 -8.45
CA TRP B 35 15.67 4.33 -9.72
C TRP B 35 16.82 4.41 -10.71
N LEU B 36 17.55 5.52 -10.74
CA LEU B 36 18.71 5.64 -11.61
C LEU B 36 19.78 4.63 -11.24
N LYS B 37 20.09 4.52 -9.95
CA LYS B 37 21.10 3.55 -9.52
C LYS B 37 20.69 2.13 -9.86
N TRP B 38 19.42 1.78 -9.65
CA TRP B 38 18.96 0.44 -9.96
C TRP B 38 18.99 0.18 -11.46
N ALA B 39 18.47 1.13 -12.26
CA ALA B 39 18.50 0.96 -13.71
C ALA B 39 19.92 0.79 -14.20
N GLU B 40 20.86 1.56 -13.64
CA GLU B 40 22.24 1.51 -14.08
C GLU B 40 22.84 0.13 -13.83
N ASN B 41 22.59 -0.44 -12.64
CA ASN B 41 23.17 -1.72 -12.30
C ASN B 41 22.44 -2.90 -12.92
N GLU B 42 21.12 -2.78 -13.13
CA GLU B 42 20.36 -3.91 -13.65
C GLU B 42 20.54 -4.10 -15.15
N PHE B 43 20.74 -3.01 -15.90
CA PHE B 43 20.81 -3.09 -17.36
C PHE B 43 22.14 -2.58 -17.90
N SER B 44 23.18 -2.55 -17.06
CA SER B 44 24.54 -2.19 -17.48
C SER B 44 24.55 -0.90 -18.27
N LEU B 45 23.86 0.11 -17.75
CA LEU B 45 23.83 1.41 -18.40
C LEU B 45 25.10 2.18 -18.08
N SER B 46 25.38 3.20 -18.89
CA SER B 46 26.49 4.09 -18.62
C SER B 46 26.25 4.82 -17.29
N PRO B 47 27.31 5.17 -16.58
CA PRO B 47 27.13 5.88 -15.30
C PRO B 47 26.36 7.17 -15.50
N ILE B 48 25.66 7.58 -14.44
CA ILE B 48 24.88 8.82 -14.46
C ILE B 48 24.95 9.44 -13.08
N ASP B 49 24.90 10.77 -13.04
CA ASP B 49 25.00 11.52 -11.80
C ASP B 49 23.61 11.82 -11.26
N SER B 50 23.43 11.61 -9.95
CA SER B 50 22.15 11.92 -9.33
C SER B 50 21.80 13.39 -9.51
N ASN B 51 22.80 14.27 -9.63
CA ASN B 51 22.54 15.68 -9.85
C ASN B 51 21.71 15.88 -11.12
N THR B 52 22.02 15.16 -12.19
CA THR B 52 21.15 15.13 -13.34
C THR B 52 19.86 14.40 -12.98
N PHE B 53 18.74 14.86 -13.53
CA PHE B 53 17.43 14.34 -13.19
C PHE B 53 17.06 14.60 -11.72
N GLU B 54 17.65 15.66 -11.13
CA GLU B 54 17.37 16.01 -9.75
C GLU B 54 15.94 16.55 -9.65
N MET B 55 14.98 15.64 -9.70
CA MET B 55 13.57 16.00 -9.74
C MET B 55 12.75 14.86 -9.15
N ASN B 56 11.43 15.07 -9.07
CA ASN B 56 10.50 14.06 -8.57
C ASN B 56 9.88 13.30 -9.73
N GLY B 57 9.10 12.27 -9.38
CA GLY B 57 8.52 11.42 -10.41
C GLY B 57 7.59 12.17 -11.34
N LYS B 58 6.76 13.07 -10.79
CA LYS B 58 5.86 13.84 -11.63
C LYS B 58 6.61 14.66 -12.66
N ALA B 59 7.76 15.23 -12.28
CA ALA B 59 8.60 15.91 -13.25
C ALA B 59 9.27 14.93 -14.20
N LEU B 60 9.77 13.81 -13.66
CA LEU B 60 10.39 12.80 -14.52
C LEU B 60 9.41 12.30 -15.56
N LEU B 61 8.14 12.18 -15.21
CA LEU B 61 7.11 11.71 -16.14
C LEU B 61 6.75 12.75 -17.19
N GLU B 62 7.19 13.99 -17.04
CA GLU B 62 6.94 15.04 -18.02
C GLU B 62 8.13 15.28 -18.95
N LEU B 63 9.17 14.45 -18.85
CA LEU B 63 10.33 14.58 -19.72
C LEU B 63 10.13 13.76 -20.99
N THR B 64 10.48 14.36 -22.14
CA THR B 64 10.49 13.63 -23.39
C THR B 64 11.81 12.88 -23.55
N LYS B 65 11.92 12.10 -24.62
CA LYS B 65 13.15 11.34 -24.84
C LYS B 65 14.32 12.25 -25.12
N GLU B 66 14.07 13.41 -25.76
CA GLU B 66 15.14 14.38 -25.95
C GLU B 66 15.52 15.06 -24.64
N ASP B 67 14.57 15.18 -23.71
CA ASP B 67 14.92 15.67 -22.38
C ASP B 67 15.84 14.71 -21.66
N PHE B 68 15.54 13.40 -21.73
CA PHE B 68 16.44 12.41 -21.16
C PHE B 68 17.81 12.45 -21.83
N ARG B 69 17.83 12.57 -23.17
CA ARG B 69 19.09 12.63 -23.89
C ARG B 69 19.92 13.83 -23.45
N TYR B 70 19.27 14.96 -23.18
CA TYR B 70 20.01 16.16 -22.80
C TYR B 70 20.70 15.97 -21.46
N ARG B 71 20.02 15.35 -20.50
CA ARG B 71 20.59 15.17 -19.18
C ARG B 71 21.56 14.00 -19.11
N SER B 72 21.36 12.98 -19.95
CA SER B 72 22.27 11.84 -20.02
C SER B 72 22.46 11.44 -21.46
N PRO B 73 23.43 12.03 -22.16
CA PRO B 73 23.66 11.67 -23.56
C PRO B 73 24.02 10.20 -23.76
N HIS B 74 24.56 9.53 -22.75
CA HIS B 74 25.03 8.16 -22.90
C HIS B 74 24.04 7.12 -22.39
N SER B 75 22.99 7.52 -21.68
CA SER B 75 22.01 6.55 -21.20
C SER B 75 20.60 7.10 -21.09
N GLY B 76 20.36 8.34 -21.52
CA GLY B 76 19.02 8.90 -21.43
C GLY B 76 18.00 8.16 -22.28
N ASP B 77 18.38 7.79 -23.51
CA ASP B 77 17.50 6.99 -24.35
C ASP B 77 17.02 5.75 -23.62
N GLU B 78 17.95 5.03 -23.00
CA GLU B 78 17.62 3.79 -22.31
C GLU B 78 16.75 4.06 -21.08
N LEU B 79 17.10 5.09 -20.31
CA LEU B 79 16.29 5.45 -19.15
C LEU B 79 14.87 5.81 -19.56
N TYR B 80 14.74 6.65 -20.60
CA TYR B 80 13.41 7.00 -21.09
C TYR B 80 12.61 5.75 -21.44
N GLU B 81 13.21 4.85 -22.22
CA GLU B 81 12.52 3.62 -22.59
C GLU B 81 12.16 2.79 -21.37
N LEU B 82 13.10 2.67 -20.42
CA LEU B 82 12.81 1.92 -19.21
C LEU B 82 11.60 2.49 -18.48
N LEU B 83 11.52 3.82 -18.40
CA LEU B 83 10.37 4.46 -17.76
C LEU B 83 9.09 4.15 -18.52
N GLN B 84 9.15 4.14 -19.86
CA GLN B 84 7.95 3.82 -20.64
C GLN B 84 7.48 2.40 -20.35
N HIS B 85 8.40 1.45 -20.25
CA HIS B 85 8.02 0.08 -19.91
C HIS B 85 7.39 0.02 -18.52
N ILE B 86 7.92 0.81 -17.58
CA ILE B 86 7.34 0.86 -16.24
C ILE B 86 5.94 1.45 -16.29
N LEU B 87 5.80 2.61 -16.93
CA LEU B 87 4.50 3.28 -16.96
C LEU B 87 3.48 2.47 -17.76
N LYS B 88 3.92 1.73 -18.78
CA LYS B 88 3.01 0.84 -19.47
C LYS B 88 2.52 -0.27 -18.55
N GLU B 89 3.41 -0.79 -17.69
CA GLU B 89 3.00 -1.82 -16.74
C GLU B 89 2.05 -1.26 -15.70
N VAL B 90 2.27 -0.01 -15.29
CA VAL B 90 1.36 0.64 -14.34
C VAL B 90 -0.04 0.74 -14.93
N GLN B 91 -0.14 1.18 -16.18
CA GLN B 91 -1.45 1.32 -16.81
C GLN B 91 -2.14 -0.02 -16.95
N ARG B 92 -1.38 -1.08 -17.26
CA ARG B 92 -1.97 -2.40 -17.37
C ARG B 92 -2.53 -2.88 -16.03
N LYS B 93 -1.80 -2.62 -14.94
CA LYS B 93 -2.26 -3.03 -13.63
C LYS B 93 -3.49 -2.24 -13.20
N ILE B 94 -3.48 -0.92 -13.44
CA ILE B 94 -4.64 -0.10 -13.11
C ILE B 94 -5.87 -0.62 -13.85
N MET B 95 -5.70 -1.03 -15.10
CA MET B 95 -6.82 -1.59 -15.86
C MET B 95 -7.31 -2.89 -15.23
N GLU B 96 -6.38 -3.76 -14.83
CA GLU B 96 -6.75 -5.00 -14.18
C GLU B 96 -7.63 -4.73 -12.96
N VAL B 97 -7.25 -3.75 -12.14
CA VAL B 97 -8.08 -3.39 -10.99
C VAL B 97 -9.44 -2.88 -11.45
N GLU B 98 -9.47 -2.05 -12.50
CA GLU B 98 -10.73 -1.50 -12.97
C GLU B 98 -11.66 -2.58 -13.49
N LEU B 99 -11.10 -3.61 -14.14
CA LEU B 99 -11.95 -4.63 -14.76
C LEU B 99 -12.64 -5.49 -13.72
N SER B 100 -12.01 -5.72 -12.57
CA SER B 100 -12.53 -6.67 -11.60
C SER B 100 -13.58 -6.09 -10.66
N VAL B 101 -13.76 -4.77 -10.66
CA VAL B 101 -14.76 -4.15 -9.80
C VAL B 101 -15.50 -3.08 -10.60
N HIS B 102 -16.72 -3.38 -11.01
CA HIS B 102 -17.52 -2.44 -11.78
C HIS B 102 -17.66 -1.11 -11.03
N GLY B 103 -17.57 -0.02 -11.78
CA GLY B 103 -17.76 1.31 -11.23
C GLY B 103 -16.49 1.97 -10.72
N VAL B 104 -15.43 1.20 -10.49
CA VAL B 104 -14.18 1.77 -9.99
C VAL B 104 -13.57 2.67 -11.06
N THR B 105 -13.29 3.91 -10.69
CA THR B 105 -12.69 4.88 -11.59
C THR B 105 -11.19 4.62 -11.73
N HIS B 106 -10.58 5.31 -12.70
CA HIS B 106 -9.13 5.26 -12.84
C HIS B 106 -8.44 5.77 -11.59
N GLN B 107 -8.84 6.94 -11.11
CA GLN B 107 -8.26 7.49 -9.89
C GLN B 107 -8.40 6.50 -8.73
N GLU B 108 -9.59 5.94 -8.55
CA GLU B 108 -9.83 5.02 -7.44
C GLU B 108 -8.88 3.82 -7.52
N ALA B 109 -8.66 3.29 -8.73
CA ALA B 109 -7.79 2.13 -8.86
C ALA B 109 -6.33 2.49 -8.59
N GLN B 110 -5.88 3.64 -9.10
CA GLN B 110 -4.50 4.04 -8.85
C GLN B 110 -4.22 4.17 -7.36
N THR B 111 -5.15 4.77 -6.61
CA THR B 111 -4.97 4.91 -5.18
C THR B 111 -4.94 3.54 -4.49
N ALA B 112 -5.77 2.60 -4.96
CA ALA B 112 -5.79 1.27 -4.36
C ALA B 112 -4.48 0.53 -4.60
N LEU B 113 -3.97 0.58 -5.83
CA LEU B 113 -2.68 -0.06 -6.12
C LEU B 113 -1.57 0.59 -5.32
N GLY B 114 -1.65 1.91 -5.11
CA GLY B 114 -0.63 2.59 -4.34
C GLY B 114 -0.57 2.12 -2.90
N ALA B 115 -1.74 1.82 -2.32
CA ALA B 115 -1.78 1.36 -0.93
C ALA B 115 -1.22 -0.04 -0.76
N THR B 116 -1.10 -0.80 -1.85
CA THR B 116 -0.57 -2.16 -1.79
C THR B 116 0.83 -2.26 -2.38
N GLY B 117 1.38 -1.17 -2.88
CA GLY B 117 2.69 -1.21 -3.50
C GLY B 117 2.72 -1.89 -4.85
N GLY B 118 1.65 -1.75 -5.63
CA GLY B 118 1.60 -2.36 -6.95
C GLY B 118 1.13 -3.79 -6.98
N ASP B 119 0.65 -4.32 -5.86
CA ASP B 119 0.08 -5.66 -5.81
C ASP B 119 -1.36 -5.59 -6.29
N VAL B 120 -1.62 -6.08 -7.52
CA VAL B 120 -2.95 -5.95 -8.11
C VAL B 120 -3.96 -6.81 -7.38
N VAL B 121 -3.59 -8.04 -7.02
CA VAL B 121 -4.54 -8.92 -6.33
C VAL B 121 -4.98 -8.29 -5.03
N SER B 122 -4.03 -7.78 -4.24
CA SER B 122 -4.39 -7.16 -2.97
C SER B 122 -5.21 -5.89 -3.18
N ALA B 123 -4.92 -5.14 -4.25
CA ALA B 123 -5.70 -3.95 -4.54
C ALA B 123 -7.16 -4.29 -4.82
N ILE B 124 -7.38 -5.32 -5.65
CA ILE B 124 -8.74 -5.75 -5.96
C ILE B 124 -9.44 -6.24 -4.69
N ARG B 125 -8.75 -7.06 -3.89
CA ARG B 125 -9.34 -7.57 -2.67
C ARG B 125 -9.76 -6.45 -1.74
N ASN B 126 -8.93 -5.42 -1.59
CA ASN B 126 -9.25 -4.33 -0.67
C ASN B 126 -10.38 -3.45 -1.19
N LEU B 127 -10.47 -3.27 -2.50
CA LEU B 127 -11.62 -2.54 -3.06
C LEU B 127 -12.91 -3.34 -2.88
N LYS B 128 -12.85 -4.66 -3.07
CA LYS B 128 -14.04 -5.47 -2.85
C LYS B 128 -14.46 -5.46 -1.39
N VAL B 129 -13.49 -5.58 -0.47
CA VAL B 129 -13.79 -5.59 0.95
C VAL B 129 -14.37 -4.25 1.39
N ASP B 130 -13.83 -3.15 0.83
CA ASP B 130 -14.33 -1.83 1.20
CA ASP B 130 -14.33 -1.83 1.20
C ASP B 130 -15.78 -1.66 0.75
N GLN B 131 -16.12 -2.12 -0.44
CA GLN B 131 -17.49 -2.01 -0.91
C GLN B 131 -18.43 -2.84 -0.04
N LEU B 132 -18.06 -4.09 0.24
CA LEU B 132 -18.91 -4.94 1.06
C LEU B 132 -18.96 -4.44 2.50
N PHE B 133 -17.86 -3.84 3.00
CA PHE B 133 -17.82 -3.39 4.39
C PHE B 133 -18.80 -2.24 4.62
N HIS B 134 -18.83 -1.26 3.72
CA HIS B 134 -19.78 -0.16 3.85
C HIS B 134 -21.22 -0.64 3.85
N LEU B 135 -21.49 -1.81 3.27
CA LEU B 135 -22.86 -2.30 3.15
C LEU B 135 -23.34 -2.99 4.42
N SER B 136 -22.45 -3.60 5.18
CA SER B 136 -22.82 -4.37 6.36
C SER B 136 -22.54 -3.59 7.63
N SER B 137 -23.10 -4.08 8.73
CA SER B 137 -22.88 -3.52 10.05
C SER B 137 -21.78 -4.22 10.82
N ARG B 138 -20.95 -5.03 10.14
CA ARG B 138 -19.93 -5.83 10.79
C ARG B 138 -18.54 -5.43 10.32
N SER B 139 -17.54 -5.97 11.02
CA SER B 139 -16.17 -5.52 10.88
C SER B 139 -15.65 -5.71 9.47
N ARG B 140 -14.54 -5.02 9.17
CA ARG B 140 -13.91 -5.18 7.87
C ARG B 140 -13.33 -6.57 7.69
N ALA B 141 -12.84 -7.19 8.78
CA ALA B 141 -12.36 -8.56 8.72
C ALA B 141 -13.51 -9.53 8.43
N ASP B 142 -14.69 -9.28 8.98
CA ASP B 142 -15.85 -10.11 8.67
C ASP B 142 -16.20 -10.01 7.18
N ALA B 143 -16.10 -8.81 6.61
CA ALA B 143 -16.32 -8.69 5.18
C ALA B 143 -15.29 -9.46 4.39
N TRP B 144 -14.01 -9.37 4.79
CA TRP B 144 -12.96 -10.15 4.13
C TRP B 144 -13.30 -11.64 4.17
N ARG B 145 -13.64 -12.14 5.36
CA ARG B 145 -13.99 -13.56 5.51
C ARG B 145 -15.14 -13.95 4.59
N ILE B 146 -16.16 -13.11 4.48
CA ILE B 146 -17.30 -13.45 3.63
C ILE B 146 -16.86 -13.58 2.18
N LEU B 147 -16.05 -12.63 1.72
CA LEU B 147 -15.59 -12.68 0.33
C LEU B 147 -14.77 -13.93 0.06
N GLU B 148 -13.94 -14.34 1.02
CA GLU B 148 -13.18 -15.57 0.85
C GLU B 148 -14.12 -16.76 0.69
N HIS B 149 -15.19 -16.80 1.48
CA HIS B 149 -16.15 -17.90 1.39
C HIS B 149 -16.81 -17.97 0.02
N TYR B 150 -17.04 -16.83 -0.61
CA TYR B 150 -17.64 -16.78 -1.94
C TYR B 150 -16.60 -16.64 -3.04
N GLN B 151 -15.33 -16.87 -2.73
CA GLN B 151 -14.25 -16.80 -3.71
C GLN B 151 -14.22 -15.44 -4.39
N TRP B 152 -14.44 -14.39 -3.62
CA TRP B 152 -14.34 -13.00 -4.06
C TRP B 152 -15.36 -12.67 -5.14
N ASP B 153 -16.47 -13.41 -5.16
CA ASP B 153 -17.65 -13.04 -5.92
C ASP B 153 -18.40 -11.97 -5.12
N LEU B 154 -18.20 -10.71 -5.48
CA LEU B 154 -18.72 -9.62 -4.66
C LEU B 154 -20.24 -9.51 -4.76
N SER B 155 -20.82 -9.89 -5.89
CA SER B 155 -22.27 -9.88 -6.02
C SER B 155 -22.91 -10.90 -5.08
N ALA B 156 -22.36 -12.11 -5.02
CA ALA B 156 -22.87 -13.12 -4.10
C ALA B 156 -22.66 -12.70 -2.66
N ALA B 157 -21.48 -12.16 -2.33
CA ALA B 157 -21.21 -11.73 -0.96
C ALA B 157 -22.12 -10.58 -0.57
N SER B 158 -22.44 -9.69 -1.51
CA SER B 158 -23.36 -8.60 -1.23
C SER B 158 -24.78 -9.13 -1.01
N ARG B 159 -25.19 -10.14 -1.77
CA ARG B 159 -26.52 -10.71 -1.54
C ARG B 159 -26.61 -11.35 -0.16
N TYR B 160 -25.55 -12.02 0.26
CA TYR B 160 -25.55 -12.67 1.57
C TYR B 160 -25.60 -11.64 2.70
N VAL B 161 -24.84 -10.55 2.56
CA VAL B 161 -24.84 -9.51 3.58
C VAL B 161 -26.22 -8.89 3.71
N LEU B 162 -26.89 -8.63 2.58
CA LEU B 162 -28.21 -8.04 2.63
C LEU B 162 -29.24 -8.98 3.22
N ALA B 163 -29.06 -10.30 3.02
CA ALA B 163 -30.01 -11.26 3.57
C ALA B 163 -29.71 -11.62 5.02
N ARG B 164 -28.55 -11.23 5.53
CA ARG B 164 -28.14 -11.60 6.88
C ARG B 164 -28.91 -10.77 7.91
N PRO B 165 -29.58 -11.40 8.88
CA PRO B 165 -30.38 -10.63 9.86
C PRO B 165 -29.53 -9.95 10.91
C1 PEG C . 10.40 -0.34 15.23
O1 PEG C . 10.06 -0.68 16.56
C2 PEG C . 10.41 -1.55 14.34
O2 PEG C . 11.47 -2.42 14.74
C3 PEG C . 11.54 -3.60 13.93
C4 PEG C . 12.68 -4.45 14.38
O4 PEG C . 12.77 -5.64 13.62
H11 PEG C . 11.28 0.06 15.22
H12 PEG C . 9.75 0.29 14.89
HO1 PEG C . 10.55 -1.29 16.90
H21 PEG C . 10.55 -1.27 13.42
H22 PEG C . 9.57 -2.01 14.42
H31 PEG C . 11.67 -3.34 13.01
H32 PEG C . 10.70 -4.09 14.02
H41 PEG C . 12.56 -4.68 15.32
H42 PEG C . 13.51 -3.95 14.29
HO4 PEG C . 12.03 -6.07 13.56
C1 PEG D . -0.98 -21.89 15.11
O1 PEG D . -1.08 -21.03 14.00
C2 PEG D . -0.19 -23.12 14.81
O2 PEG D . 1.19 -22.81 14.69
C3 PEG D . 2.00 -23.97 14.55
C4 PEG D . 2.04 -24.41 13.12
H11 PEG D . -1.88 -22.14 15.39
H12 PEG D . -0.56 -21.40 15.86
HO1 PEG D . -0.31 -20.84 13.72
H21 PEG D . -0.50 -23.52 13.98
H22 PEG D . -0.32 -23.78 15.53
H31 PEG D . 1.64 -24.69 15.11
H32 PEG D . 2.91 -23.78 14.86
H41 PEG D . 1.81 -23.65 12.55
H42 PEG D . 1.37 -25.11 12.98
C1 PEG E . 6.85 -25.38 3.22
O1 PEG E . 6.91 -26.56 2.43
C2 PEG E . 5.51 -24.72 3.13
O2 PEG E . 5.44 -23.67 4.09
C3 PEG E . 6.17 -22.52 3.72
C4 PEG E . 5.87 -21.41 4.66
O4 PEG E . 6.42 -20.19 4.20
H11 PEG E . 7.54 -24.76 2.90
H12 PEG E . 7.03 -25.61 4.14
HO1 PEG E . 6.31 -27.13 2.62
H21 PEG E . 4.83 -25.38 3.31
H22 PEG E . 5.39 -24.36 2.24
H31 PEG E . 5.93 -22.26 2.81
H32 PEG E . 7.12 -22.73 3.75
H41 PEG E . 6.26 -21.62 5.53
H42 PEG E . 4.92 -21.31 4.76
HO4 PEG E . 7.24 -20.23 4.00
K K F . -12.77 -29.50 6.23
K K G . -7.31 -34.05 -1.78
K K H . 7.95 13.89 13.01
K K I . -14.20 -0.51 -14.03
NA NA J . -10.90 -17.67 -0.78
#